data_6OZQ
#
_entry.id   6OZQ
#
_cell.length_a   71.205
_cell.length_b   73.807
_cell.length_c   154.659
_cell.angle_alpha   90.000
_cell.angle_beta   90.000
_cell.angle_gamma   90.000
#
_symmetry.space_group_name_H-M   'P 21 21 21'
#
loop_
_entity.id
_entity.type
_entity.pdbx_description
1 polymer 'Endonuclease V'
2 polymer "DNA/RNA (5'-R(P*CP*GP*GP*UP*AP*AP*CP*CP*C)-D(P*I)-R(P*AP*UP*AP*UP*GP*CP*AP*UP*GP*CP*AP*UP*U)-3')"
3 non-polymer 'MANGANESE (II) ION'
4 non-polymer GLYCEROL
5 non-polymer 1,2-ETHANEDIOL
6 non-polymer 'TRIETHYLENE GLYCOL'
7 water water
#
loop_
_entity_poly.entity_id
_entity_poly.type
_entity_poly.pdbx_seq_one_letter_code
_entity_poly.pdbx_strand_id
1 'polypeptide(L)'
;MAHTAAERPPEETLSLWKGEQARLKARVVDRDTEAWQRDPSFSGLQKVGGVDVSFVKGDSVRACASLVVLSYPELKVVYE
DSRMVGLKAPYVSGFLAFREVPFLVELVQRLQEKEPDLMPQVVLVDGNGVLHQRGFGVACHLGVLTELPCIGVAMKLLQV
DGLENNALHKEKIVLLQAGGDTFPLIGSSGTVLGMALRSHDHSTKPLYVSVGHRISLEVAVRLTHHCCRFRIPEPIRQAD
IRSREYIRRTLGQ
;
A,B
2 'polydeoxyribonucleotide/polyribonucleotide hybrid' CGGUAACCC(DI)AUAUGCAUGCAUU C,D
#
loop_
_chem_comp.id
_chem_comp.type
_chem_comp.name
_chem_comp.formula
A RNA linking ADENOSINE-5'-MONOPHOSPHATE 'C10 H14 N5 O7 P'
C RNA linking CYTIDINE-5'-MONOPHOSPHATE 'C9 H14 N3 O8 P'
DI DNA linking 2'-DEOXYINOSINE-5'-MONOPHOSPHATE 'C10 H13 N4 O7 P'
EDO non-polymer 1,2-ETHANEDIOL 'C2 H6 O2'
G RNA linking GUANOSINE-5'-MONOPHOSPHATE 'C10 H14 N5 O8 P'
GOL non-polymer GLYCEROL 'C3 H8 O3'
MN non-polymer 'MANGANESE (II) ION' 'Mn 2'
PGE non-polymer 'TRIETHYLENE GLYCOL' 'C6 H14 O4'
U RNA linking URIDINE-5'-MONOPHOSPHATE 'C9 H13 N2 O9 P'
#
# COMPACT_ATOMS: atom_id res chain seq x y z
N GLU A 7 4.88 12.75 -22.86
CA GLU A 7 4.76 13.24 -24.24
C GLU A 7 3.50 12.68 -24.89
N ARG A 8 2.92 13.42 -25.83
CA ARG A 8 1.73 13.01 -26.55
C ARG A 8 2.01 12.94 -28.04
N PRO A 9 1.50 11.91 -28.75
CA PRO A 9 1.80 11.80 -30.18
C PRO A 9 1.15 12.93 -30.95
N PRO A 10 1.71 13.31 -32.10
CA PRO A 10 1.08 14.34 -32.93
C PRO A 10 -0.25 13.87 -33.52
N GLU A 11 -1.08 14.86 -33.88
CA GLU A 11 -2.42 14.55 -34.38
C GLU A 11 -2.39 13.67 -35.63
N GLU A 12 -1.37 13.84 -36.49
CA GLU A 12 -1.25 12.97 -37.65
C GLU A 12 -1.10 11.51 -37.25
N THR A 13 -0.46 11.23 -36.12
CA THR A 13 -0.29 9.86 -35.67
C THR A 13 -1.59 9.30 -35.07
N LEU A 14 -2.25 10.08 -34.22
CA LEU A 14 -3.54 9.65 -33.66
C LEU A 14 -4.55 9.43 -34.77
N SER A 15 -4.49 10.27 -35.80
CA SER A 15 -5.39 10.09 -36.93
C SER A 15 -5.16 8.74 -37.62
N LEU A 16 -3.90 8.34 -37.84
CA LEU A 16 -3.67 7.00 -38.41
C LEU A 16 -4.18 5.91 -37.48
N TRP A 17 -3.98 6.08 -36.17
CA TRP A 17 -4.43 5.08 -35.22
C TRP A 17 -5.95 4.95 -35.22
N LYS A 18 -6.68 6.07 -35.25
CA LYS A 18 -8.13 6.01 -35.36
C LYS A 18 -8.56 5.29 -36.62
N GLY A 19 -7.85 5.53 -37.74
CA GLY A 19 -8.19 4.85 -38.97
C GLY A 19 -8.03 3.35 -38.86
N GLU A 20 -6.97 2.91 -38.18
CA GLU A 20 -6.73 1.48 -37.99
C GLU A 20 -7.76 0.86 -37.06
N GLN A 21 -8.14 1.57 -35.98
CA GLN A 21 -9.19 1.04 -35.12
C GLN A 21 -10.48 0.83 -35.89
N ALA A 22 -10.84 1.78 -36.76
CA ALA A 22 -12.09 1.64 -37.51
C ALA A 22 -12.03 0.45 -38.46
N ARG A 23 -10.88 0.22 -39.10
CA ARG A 23 -10.74 -0.92 -40.01
C ARG A 23 -10.90 -2.24 -39.27
N LEU A 24 -10.15 -2.42 -38.19
CA LEU A 24 -10.18 -3.68 -37.46
C LEU A 24 -11.50 -3.92 -36.75
N LYS A 25 -12.24 -2.86 -36.41
CA LYS A 25 -13.51 -3.02 -35.71
C LYS A 25 -14.46 -3.95 -36.46
N ALA A 26 -14.36 -3.96 -37.79
CA ALA A 26 -15.19 -4.81 -38.63
C ALA A 26 -15.04 -6.31 -38.31
N ARG A 27 -13.92 -6.71 -37.74
CA ARG A 27 -13.69 -8.12 -37.45
C ARG A 27 -14.13 -8.53 -36.05
N VAL A 28 -14.61 -7.60 -35.23
CA VAL A 28 -15.08 -7.97 -33.90
C VAL A 28 -16.34 -8.80 -34.02
N VAL A 29 -16.43 -9.86 -33.22
CA VAL A 29 -17.62 -10.71 -33.17
C VAL A 29 -18.18 -10.59 -31.75
N ASP A 30 -19.37 -10.01 -31.60
CA ASP A 30 -19.93 -9.74 -30.28
C ASP A 30 -20.99 -10.75 -29.89
N ARG A 31 -20.79 -12.02 -30.25
CA ARG A 31 -21.66 -13.08 -29.78
C ARG A 31 -20.82 -14.30 -29.46
N ASP A 32 -21.45 -15.28 -28.83
CA ASP A 32 -20.74 -16.47 -28.41
C ASP A 32 -20.47 -17.34 -29.63
N THR A 33 -19.24 -17.86 -29.73
CA THR A 33 -18.88 -18.73 -30.84
C THR A 33 -18.27 -20.04 -30.35
N GLU A 34 -18.30 -20.30 -29.04
CA GLU A 34 -17.70 -21.51 -28.46
C GLU A 34 -18.76 -22.26 -27.66
N ALA A 35 -18.74 -23.58 -27.74
CA ALA A 35 -19.79 -24.38 -27.13
C ALA A 35 -19.85 -24.19 -25.62
N TRP A 36 -18.68 -24.06 -24.96
CA TRP A 36 -18.71 -23.90 -23.51
C TRP A 36 -19.44 -22.63 -23.11
N GLN A 37 -19.44 -21.61 -23.98
CA GLN A 37 -20.07 -20.34 -23.66
C GLN A 37 -21.58 -20.48 -23.55
N ARG A 38 -22.17 -21.44 -24.26
CA ARG A 38 -23.62 -21.64 -24.20
C ARG A 38 -24.01 -22.64 -23.13
N ASP A 39 -23.08 -23.13 -22.38
CA ASP A 39 -23.35 -24.16 -21.39
C ASP A 39 -23.71 -23.53 -20.05
N PRO A 40 -24.78 -23.99 -19.39
CA PRO A 40 -25.20 -23.38 -18.11
C PRO A 40 -24.09 -23.21 -17.10
N SER A 41 -23.09 -24.11 -17.05
CA SER A 41 -21.99 -24.00 -16.09
C SER A 41 -20.62 -23.92 -16.77
N PHE A 42 -20.59 -23.53 -18.04
CA PHE A 42 -19.33 -23.41 -18.80
C PHE A 42 -18.58 -24.74 -18.89
N SER A 43 -19.30 -25.87 -18.86
CA SER A 43 -18.66 -27.17 -19.06
C SER A 43 -17.89 -27.19 -20.38
N GLY A 44 -16.64 -27.69 -20.35
CA GLY A 44 -15.73 -27.61 -21.47
C GLY A 44 -14.73 -26.47 -21.40
N LEU A 45 -14.97 -25.47 -20.55
CA LEU A 45 -13.98 -24.43 -20.32
C LEU A 45 -12.94 -24.98 -19.34
N GLN A 46 -11.68 -24.97 -19.74
CA GLN A 46 -10.61 -25.48 -18.90
C GLN A 46 -9.48 -24.49 -18.65
N LYS A 47 -9.32 -23.46 -19.48
CA LYS A 47 -8.14 -22.61 -19.44
C LYS A 47 -8.57 -21.17 -19.64
N VAL A 48 -8.25 -20.31 -18.67
CA VAL A 48 -8.55 -18.89 -18.74
C VAL A 48 -7.25 -18.11 -18.66
N GLY A 49 -7.04 -17.20 -19.60
CA GLY A 49 -5.82 -16.41 -19.66
C GLY A 49 -6.02 -15.04 -19.03
N GLY A 50 -4.92 -14.46 -18.56
CA GLY A 50 -4.91 -13.05 -18.17
C GLY A 50 -3.60 -12.40 -18.56
N VAL A 51 -3.67 -11.11 -18.88
CA VAL A 51 -2.48 -10.37 -19.32
C VAL A 51 -2.28 -9.15 -18.44
N ASP A 52 -1.04 -8.65 -18.45
CA ASP A 52 -0.71 -7.41 -17.75
C ASP A 52 0.55 -6.82 -18.38
N VAL A 53 0.61 -5.49 -18.39
CA VAL A 53 1.81 -4.77 -18.77
C VAL A 53 2.06 -3.70 -17.71
N SER A 54 3.08 -3.90 -16.88
CA SER A 54 3.44 -2.99 -15.81
C SER A 54 4.74 -2.28 -16.14
N PHE A 55 4.99 -1.19 -15.40
CA PHE A 55 6.20 -0.39 -15.55
C PHE A 55 6.95 -0.35 -14.22
N VAL A 56 8.25 -0.09 -14.32
CA VAL A 56 9.10 0.12 -13.16
C VAL A 56 8.88 1.55 -12.66
N SER A 60 8.11 3.74 -17.69
CA SER A 60 8.69 3.75 -19.03
C SER A 60 10.07 4.39 -18.98
N VAL A 61 11.03 3.86 -19.74
CA VAL A 61 10.79 2.88 -20.80
C VAL A 61 10.62 1.45 -20.26
N ARG A 62 11.23 1.15 -19.11
CA ARG A 62 11.31 -0.24 -18.67
C ARG A 62 9.97 -0.71 -18.14
N ALA A 63 9.48 -1.81 -18.70
CA ALA A 63 8.16 -2.33 -18.42
C ALA A 63 8.21 -3.85 -18.48
N CYS A 64 7.20 -4.48 -17.90
CA CYS A 64 7.09 -5.93 -17.89
C CYS A 64 5.71 -6.35 -18.41
N ALA A 65 5.70 -7.17 -19.47
CA ALA A 65 4.47 -7.77 -20.00
C ALA A 65 4.35 -9.21 -19.51
N SER A 66 3.19 -9.57 -18.97
CA SER A 66 2.98 -10.89 -18.39
CA SER A 66 2.97 -10.88 -18.39
C SER A 66 1.72 -11.55 -18.96
N LEU A 67 1.80 -12.86 -19.18
CA LEU A 67 0.67 -13.68 -19.58
C LEU A 67 0.60 -14.86 -18.62
N VAL A 68 -0.59 -15.11 -18.04
CA VAL A 68 -0.79 -16.30 -17.25
C VAL A 68 -1.99 -17.08 -17.80
N VAL A 69 -1.98 -18.40 -17.61
CA VAL A 69 -3.13 -19.25 -17.92
C VAL A 69 -3.50 -19.97 -16.63
N LEU A 70 -4.77 -19.90 -16.27
CA LEU A 70 -5.28 -20.56 -15.08
C LEU A 70 -6.24 -21.68 -15.49
N SER A 71 -6.26 -22.74 -14.69
CA SER A 71 -7.25 -23.80 -14.87
C SER A 71 -8.63 -23.30 -14.47
N TYR A 72 -9.64 -23.87 -15.09
CA TYR A 72 -11.00 -23.52 -14.71
C TYR A 72 -11.75 -24.82 -14.40
N PRO A 73 -12.52 -24.85 -13.29
CA PRO A 73 -12.87 -23.76 -12.37
C PRO A 73 -11.94 -23.54 -11.17
N GLU A 74 -10.84 -24.31 -11.06
CA GLU A 74 -9.99 -24.23 -9.88
C GLU A 74 -9.18 -22.94 -9.80
N LEU A 75 -8.96 -22.26 -10.92
CA LEU A 75 -8.25 -20.98 -10.94
C LEU A 75 -6.81 -21.09 -10.45
N LYS A 76 -6.16 -22.24 -10.69
CA LYS A 76 -4.74 -22.41 -10.39
C LYS A 76 -3.90 -22.11 -11.64
N VAL A 77 -2.74 -21.50 -11.41
CA VAL A 77 -1.86 -21.09 -12.50
C VAL A 77 -1.22 -22.34 -13.09
N VAL A 78 -1.43 -22.56 -14.39
CA VAL A 78 -0.77 -23.64 -15.11
C VAL A 78 0.27 -23.14 -16.09
N TYR A 79 0.30 -21.84 -16.37
CA TYR A 79 1.30 -21.25 -17.25
C TYR A 79 1.53 -19.81 -16.86
N GLU A 80 2.79 -19.38 -16.96
CA GLU A 80 3.15 -18.00 -16.69
C GLU A 80 4.37 -17.61 -17.51
N ASP A 81 4.36 -16.39 -18.02
CA ASP A 81 5.47 -15.87 -18.79
C ASP A 81 5.51 -14.38 -18.57
N SER A 82 6.69 -13.87 -18.23
CA SER A 82 6.92 -12.46 -17.99
C SER A 82 8.16 -12.05 -18.78
N ARG A 83 8.03 -10.97 -19.56
CA ARG A 83 9.09 -10.57 -20.45
CA ARG A 83 9.04 -10.55 -20.52
C ARG A 83 9.38 -9.09 -20.27
N MET A 84 10.66 -8.78 -20.09
CA MET A 84 11.05 -7.39 -19.99
C MET A 84 11.03 -6.79 -21.40
N VAL A 85 10.26 -5.71 -21.57
CA VAL A 85 10.05 -5.09 -22.86
C VAL A 85 10.24 -3.58 -22.75
N GLY A 86 10.51 -2.95 -23.89
CA GLY A 86 10.59 -1.50 -23.87
C GLY A 86 9.49 -0.81 -24.66
N LEU A 87 8.57 -0.14 -23.96
CA LEU A 87 7.43 0.54 -24.57
C LEU A 87 7.72 2.02 -24.61
N LYS A 88 8.03 2.55 -25.78
CA LYS A 88 8.24 3.98 -25.86
C LYS A 88 6.93 4.73 -26.08
N ALA A 89 5.88 4.05 -26.49
CA ALA A 89 4.65 4.78 -26.77
C ALA A 89 4.07 5.30 -25.45
N PRO A 90 3.62 6.55 -25.42
CA PRO A 90 2.98 7.06 -24.21
C PRO A 90 1.56 6.57 -24.11
N TYR A 91 0.99 6.80 -22.93
CA TYR A 91 -0.41 6.47 -22.68
C TYR A 91 -1.28 7.61 -23.20
N VAL A 92 -2.16 7.30 -24.14
CA VAL A 92 -3.26 8.19 -24.49
C VAL A 92 -4.54 7.40 -24.35
N SER A 93 -5.49 7.93 -23.59
CA SER A 93 -6.77 7.27 -23.42
C SER A 93 -7.45 7.07 -24.79
N GLY A 94 -7.96 5.86 -25.03
CA GLY A 94 -8.51 5.53 -26.33
C GLY A 94 -7.52 4.88 -27.27
N PHE A 95 -6.22 4.90 -26.94
CA PHE A 95 -5.16 4.34 -27.78
C PHE A 95 -4.25 3.41 -26.98
N LEU A 96 -4.79 2.79 -25.94
CA LEU A 96 -4.01 1.90 -25.09
C LEU A 96 -3.35 0.77 -25.88
N ALA A 97 -4.05 0.22 -26.89
CA ALA A 97 -3.49 -0.89 -27.66
C ALA A 97 -2.19 -0.50 -28.34
N PHE A 98 -2.05 0.76 -28.74
CA PHE A 98 -0.88 1.11 -29.52
C PHE A 98 0.36 1.22 -28.65
N ARG A 99 0.24 1.07 -27.33
CA ARG A 99 1.43 0.99 -26.51
C ARG A 99 1.71 -0.42 -26.00
N GLU A 100 0.73 -1.31 -25.96
CA GLU A 100 1.01 -2.64 -25.41
C GLU A 100 0.63 -3.83 -26.27
N VAL A 101 -0.30 -3.71 -27.22
CA VAL A 101 -0.85 -4.91 -27.86
C VAL A 101 0.19 -5.70 -28.64
N PRO A 102 1.18 -5.09 -29.32
CA PRO A 102 2.17 -5.94 -30.02
C PRO A 102 2.94 -6.84 -29.07
N PHE A 103 3.20 -6.39 -27.84
CA PHE A 103 3.89 -7.22 -26.86
C PHE A 103 2.97 -8.30 -26.29
N LEU A 104 1.68 -8.02 -26.15
CA LEU A 104 0.78 -9.09 -25.71
C LEU A 104 0.65 -10.18 -26.79
N VAL A 105 0.57 -9.79 -28.07
CA VAL A 105 0.55 -10.76 -29.17
C VAL A 105 1.81 -11.63 -29.15
N GLU A 106 2.98 -11.02 -28.92
CA GLU A 106 4.21 -11.79 -28.84
C GLU A 106 4.19 -12.80 -27.70
N LEU A 107 3.56 -12.43 -26.57
CA LEU A 107 3.42 -13.41 -25.48
C LEU A 107 2.55 -14.59 -25.90
N VAL A 108 1.45 -14.32 -26.61
CA VAL A 108 0.59 -15.42 -27.07
C VAL A 108 1.37 -16.31 -28.04
N GLN A 109 2.15 -15.69 -28.93
CA GLN A 109 2.95 -16.47 -29.87
C GLN A 109 3.99 -17.32 -29.15
N ARG A 110 4.57 -16.79 -28.05
CA ARG A 110 5.52 -17.60 -27.28
C ARG A 110 4.84 -18.78 -26.59
N LEU A 111 3.65 -18.57 -26.05
CA LEU A 111 2.88 -19.67 -25.49
C LEU A 111 2.63 -20.74 -26.55
N GLN A 112 2.19 -20.33 -27.75
CA GLN A 112 1.92 -21.29 -28.81
C GLN A 112 3.15 -22.13 -29.13
N GLU A 113 4.34 -21.53 -29.11
CA GLU A 113 5.54 -22.28 -29.44
C GLU A 113 6.05 -23.13 -28.29
N LYS A 114 5.78 -22.75 -27.03
CA LYS A 114 6.31 -23.49 -25.90
C LYS A 114 5.33 -24.50 -25.34
N GLU A 115 4.07 -24.11 -25.14
CA GLU A 115 3.08 -24.96 -24.47
C GLU A 115 1.77 -24.84 -25.23
N PRO A 116 1.74 -25.31 -26.49
CA PRO A 116 0.56 -25.08 -27.32
C PRO A 116 -0.72 -25.67 -26.78
N ASP A 117 -0.65 -26.75 -25.99
CA ASP A 117 -1.84 -27.30 -25.36
C ASP A 117 -2.38 -26.45 -24.21
N LEU A 118 -1.64 -25.46 -23.74
CA LEU A 118 -2.13 -24.56 -22.69
C LEU A 118 -2.72 -23.27 -23.26
N MET A 119 -2.96 -23.21 -24.57
CA MET A 119 -3.53 -22.01 -25.16
C MET A 119 -4.89 -21.72 -24.51
N PRO A 120 -5.11 -20.53 -23.96
CA PRO A 120 -6.37 -20.27 -23.24
C PRO A 120 -7.56 -20.20 -24.18
N GLN A 121 -8.73 -20.54 -23.63
CA GLN A 121 -9.98 -20.51 -24.37
C GLN A 121 -10.64 -19.16 -24.35
N VAL A 122 -10.18 -18.28 -23.47
CA VAL A 122 -10.69 -16.92 -23.33
C VAL A 122 -9.64 -16.17 -22.54
N VAL A 123 -9.45 -14.89 -22.86
CA VAL A 123 -8.46 -14.05 -22.19
C VAL A 123 -9.19 -12.89 -21.53
N LEU A 124 -8.90 -12.67 -20.25
CA LEU A 124 -9.36 -11.49 -19.53
C LEU A 124 -8.28 -10.42 -19.68
N VAL A 125 -8.66 -9.27 -20.21
CA VAL A 125 -7.73 -8.16 -20.45
C VAL A 125 -8.05 -7.03 -19.48
N ASP A 126 -7.00 -6.42 -18.91
CA ASP A 126 -7.18 -5.25 -18.03
C ASP A 126 -7.29 -4.00 -18.89
N GLY A 127 -8.51 -3.67 -19.25
CA GLY A 127 -8.83 -2.57 -20.13
C GLY A 127 -10.12 -2.90 -20.86
N ASN A 128 -10.73 -1.87 -21.46
CA ASN A 128 -12.03 -2.09 -22.08
C ASN A 128 -11.94 -2.79 -23.43
N GLY A 129 -13.07 -3.42 -23.79
CA GLY A 129 -13.33 -3.88 -25.14
C GLY A 129 -14.18 -2.88 -25.90
N VAL A 130 -15.47 -3.18 -26.13
CA VAL A 130 -16.29 -2.27 -26.93
C VAL A 130 -16.69 -1.01 -26.17
N LEU A 131 -16.53 -0.99 -24.85
CA LEU A 131 -16.76 0.25 -24.10
C LEU A 131 -15.60 1.23 -24.33
N HIS A 132 -15.68 2.04 -25.38
CA HIS A 132 -14.48 2.70 -25.89
C HIS A 132 -14.92 3.85 -26.78
N GLN A 133 -14.04 4.85 -26.91
CA GLN A 133 -14.35 6.06 -27.70
C GLN A 133 -14.84 5.71 -29.11
N ARG A 134 -14.17 4.77 -29.77
CA ARG A 134 -14.51 4.34 -31.12
C ARG A 134 -14.97 2.89 -31.13
N GLY A 135 -15.41 2.37 -29.98
CA GLY A 135 -15.93 1.02 -29.90
C GLY A 135 -14.90 -0.06 -30.15
N PHE A 136 -13.62 0.21 -29.91
CA PHE A 136 -12.58 -0.75 -30.25
C PHE A 136 -11.39 -0.59 -29.30
N GLY A 137 -11.60 -1.03 -28.05
CA GLY A 137 -10.58 -0.96 -27.02
C GLY A 137 -9.55 -2.06 -27.14
N VAL A 138 -8.57 -2.02 -26.23
CA VAL A 138 -7.47 -2.99 -26.25
C VAL A 138 -7.96 -4.44 -26.20
N ALA A 139 -9.07 -4.72 -25.52
CA ALA A 139 -9.54 -6.11 -25.47
C ALA A 139 -10.07 -6.58 -26.82
N CYS A 140 -10.73 -5.69 -27.58
CA CYS A 140 -11.10 -6.02 -28.95
C CYS A 140 -9.86 -6.19 -29.80
N HIS A 141 -8.88 -5.30 -29.60
CA HIS A 141 -7.71 -5.29 -30.45
C HIS A 141 -6.91 -6.56 -30.26
N LEU A 142 -6.73 -6.97 -29.01
CA LEU A 142 -6.06 -8.24 -28.75
C LEU A 142 -6.85 -9.41 -29.32
N GLY A 143 -8.18 -9.40 -29.17
CA GLY A 143 -8.99 -10.49 -29.70
C GLY A 143 -8.90 -10.63 -31.20
N VAL A 144 -8.93 -9.50 -31.91
CA VAL A 144 -8.91 -9.56 -33.36
C VAL A 144 -7.51 -9.96 -33.87
N LEU A 145 -6.45 -9.55 -33.19
CA LEU A 145 -5.13 -9.92 -33.72
C LEU A 145 -4.79 -11.38 -33.42
N THR A 146 -5.32 -11.95 -32.35
CA THR A 146 -5.04 -13.34 -32.05
C THR A 146 -6.20 -14.27 -32.37
N GLU A 147 -7.38 -13.72 -32.63
CA GLU A 147 -8.63 -14.46 -32.80
C GLU A 147 -9.03 -15.25 -31.55
N LEU A 148 -8.43 -14.95 -30.38
CA LEU A 148 -8.94 -15.53 -29.14
C LEU A 148 -10.18 -14.79 -28.65
N PRO A 149 -11.11 -15.51 -28.02
CA PRO A 149 -12.17 -14.81 -27.26
C PRO A 149 -11.55 -13.93 -26.16
N CYS A 150 -12.04 -12.70 -26.05
CA CYS A 150 -11.49 -11.76 -25.07
C CYS A 150 -12.61 -11.03 -24.34
N ILE A 151 -12.35 -10.74 -23.07
CA ILE A 151 -13.22 -9.96 -22.21
C ILE A 151 -12.47 -8.73 -21.73
N GLY A 152 -13.11 -7.57 -21.79
CA GLY A 152 -12.52 -6.36 -21.24
C GLY A 152 -12.95 -6.16 -19.80
N VAL A 153 -11.97 -5.94 -18.91
CA VAL A 153 -12.25 -5.67 -17.50
C VAL A 153 -11.51 -4.40 -17.11
N ALA A 154 -12.25 -3.37 -16.71
CA ALA A 154 -11.69 -2.08 -16.31
C ALA A 154 -12.08 -1.75 -14.88
N MET A 155 -11.19 -1.02 -14.18
CA MET A 155 -11.35 -0.61 -12.78
C MET A 155 -12.04 0.74 -12.62
N LYS A 156 -11.96 1.62 -13.60
CA LYS A 156 -12.70 2.87 -13.61
C LYS A 156 -13.49 2.96 -14.91
N LEU A 157 -14.50 3.83 -14.89
CA LEU A 157 -15.42 3.98 -15.99
C LEU A 157 -14.82 4.96 -17.01
N LEU A 158 -14.64 4.48 -18.23
CA LEU A 158 -14.26 5.32 -19.37
C LEU A 158 -15.49 6.10 -19.82
N GLN A 159 -15.41 7.42 -19.77
CA GLN A 159 -16.58 8.28 -19.98
C GLN A 159 -16.73 8.57 -21.46
N VAL A 160 -17.50 7.74 -22.14
CA VAL A 160 -17.73 7.80 -23.58
C VAL A 160 -19.22 7.64 -23.83
N ASP A 161 -19.71 8.27 -24.90
CA ASP A 161 -21.11 8.12 -25.33
C ASP A 161 -22.09 8.40 -24.19
N GLY A 162 -21.87 9.53 -23.51
CA GLY A 162 -22.76 10.00 -22.47
C GLY A 162 -22.57 9.35 -21.11
N LEU A 163 -21.72 8.35 -21.00
CA LEU A 163 -21.47 7.72 -19.71
C LEU A 163 -20.60 8.64 -18.84
N GLU A 164 -20.98 8.76 -17.58
CA GLU A 164 -20.31 9.69 -16.69
C GLU A 164 -20.38 9.14 -15.27
N ASN A 165 -19.30 9.27 -14.53
CA ASN A 165 -19.26 8.84 -13.13
C ASN A 165 -19.79 9.95 -12.22
N ASN A 166 -21.09 10.27 -12.39
CA ASN A 166 -21.71 11.33 -11.60
C ASN A 166 -22.46 10.72 -10.41
N ALA A 167 -23.28 11.54 -9.75
CA ALA A 167 -24.05 11.09 -8.60
C ALA A 167 -25.07 10.01 -8.98
N LEU A 168 -25.72 10.17 -10.14
CA LEU A 168 -26.65 9.14 -10.59
C LEU A 168 -25.95 7.80 -10.81
N HIS A 169 -24.74 7.82 -11.37
CA HIS A 169 -23.99 6.58 -11.52
C HIS A 169 -23.62 5.99 -10.17
N LYS A 170 -23.21 6.83 -9.22
CA LYS A 170 -22.84 6.36 -7.89
C LYS A 170 -24.05 5.82 -7.13
N GLU A 171 -25.25 6.34 -7.38
CA GLU A 171 -26.46 5.76 -6.79
C GLU A 171 -26.67 4.34 -7.28
N LYS A 172 -26.50 4.09 -8.57
CA LYS A 172 -26.64 2.73 -9.08
C LYS A 172 -25.61 1.80 -8.44
N ILE A 173 -24.38 2.29 -8.23
CA ILE A 173 -23.35 1.47 -7.59
C ILE A 173 -23.77 1.05 -6.18
N VAL A 174 -24.44 1.96 -5.46
CA VAL A 174 -24.88 1.67 -4.10
C VAL A 174 -25.91 0.53 -4.10
N LEU A 175 -26.76 0.48 -5.12
CA LEU A 175 -27.74 -0.60 -5.28
C LEU A 175 -27.10 -1.96 -5.57
N LEU A 176 -25.83 -2.00 -5.98
CA LEU A 176 -25.14 -3.28 -6.09
C LEU A 176 -24.83 -3.79 -4.69
N GLN A 177 -25.51 -4.86 -4.26
CA GLN A 177 -25.44 -5.29 -2.87
C GLN A 177 -24.69 -6.59 -2.65
N ALA A 178 -24.70 -7.50 -3.62
CA ALA A 178 -24.05 -8.78 -3.46
C ALA A 178 -23.17 -9.04 -4.67
N GLY A 179 -22.25 -9.99 -4.51
CA GLY A 179 -21.41 -10.42 -5.60
C GLY A 179 -22.24 -11.01 -6.72
N GLY A 180 -21.98 -10.59 -7.96
CA GLY A 180 -22.77 -11.01 -9.09
C GLY A 180 -23.77 -9.98 -9.56
N ASP A 181 -24.15 -9.03 -8.69
CA ASP A 181 -25.08 -7.97 -9.08
C ASP A 181 -24.46 -7.08 -10.16
N THR A 182 -25.31 -6.60 -11.07
CA THR A 182 -24.84 -5.84 -12.21
C THR A 182 -25.83 -4.73 -12.53
N PHE A 183 -25.36 -3.73 -13.29
CA PHE A 183 -26.31 -2.89 -13.99
C PHE A 183 -25.68 -2.54 -15.34
N PRO A 184 -26.50 -2.34 -16.37
CA PRO A 184 -25.93 -2.07 -17.71
C PRO A 184 -25.51 -0.61 -17.90
N LEU A 185 -24.46 -0.45 -18.70
CA LEU A 185 -23.96 0.87 -19.09
C LEU A 185 -24.58 1.21 -20.44
N ILE A 186 -25.53 2.11 -20.45
CA ILE A 186 -26.30 2.43 -21.65
C ILE A 186 -25.81 3.77 -22.17
N GLY A 187 -25.30 3.80 -23.40
CA GLY A 187 -24.88 5.05 -23.97
C GLY A 187 -26.03 5.87 -24.51
N SER A 188 -25.75 7.17 -24.73
CA SER A 188 -26.75 8.09 -25.27
C SER A 188 -27.37 7.58 -26.57
N SER A 189 -26.62 6.81 -27.34
CA SER A 189 -27.13 6.16 -28.55
C SER A 189 -28.21 5.11 -28.26
N GLY A 190 -28.29 4.63 -27.01
CA GLY A 190 -29.17 3.54 -26.67
C GLY A 190 -28.48 2.19 -26.64
N THR A 191 -27.20 2.13 -27.04
CA THR A 191 -26.46 0.88 -27.05
C THR A 191 -25.94 0.54 -25.66
N VAL A 192 -25.92 -0.75 -25.35
CA VAL A 192 -25.35 -1.27 -24.11
C VAL A 192 -23.87 -1.52 -24.37
N LEU A 193 -23.01 -0.75 -23.71
CA LEU A 193 -21.58 -0.85 -23.98
C LEU A 193 -20.87 -1.83 -23.06
N GLY A 194 -21.43 -2.09 -21.89
CA GLY A 194 -20.79 -2.96 -20.93
C GLY A 194 -21.70 -3.10 -19.73
N MET A 195 -21.18 -3.72 -18.67
CA MET A 195 -21.90 -3.89 -17.42
C MET A 195 -21.02 -3.48 -16.25
N ALA A 196 -21.63 -2.81 -15.27
CA ALA A 196 -20.99 -2.63 -13.98
C ALA A 196 -21.27 -3.88 -13.18
N LEU A 197 -20.25 -4.48 -12.58
CA LEU A 197 -20.41 -5.76 -11.89
C LEU A 197 -19.86 -5.63 -10.48
N ARG A 198 -20.64 -6.01 -9.48
CA ARG A 198 -20.09 -6.11 -8.14
C ARG A 198 -19.43 -7.47 -8.04
N SER A 199 -18.10 -7.50 -7.99
CA SER A 199 -17.41 -8.76 -8.24
C SER A 199 -17.31 -9.68 -7.03
N HIS A 200 -17.45 -9.16 -5.81
CA HIS A 200 -17.53 -10.04 -4.65
C HIS A 200 -18.22 -9.31 -3.51
N ASP A 201 -18.63 -10.08 -2.51
CA ASP A 201 -19.50 -9.57 -1.45
C ASP A 201 -18.84 -8.47 -0.63
N HIS A 202 -17.53 -8.59 -0.37
CA HIS A 202 -16.84 -7.65 0.51
C HIS A 202 -16.08 -6.59 -0.27
N SER A 203 -16.61 -6.19 -1.41
CA SER A 203 -16.06 -5.08 -2.18
CA SER A 203 -16.07 -5.12 -2.23
C SER A 203 -17.22 -4.22 -2.66
N THR A 204 -16.98 -2.93 -2.74
CA THR A 204 -18.02 -2.01 -3.17
C THR A 204 -17.71 -1.34 -4.50
N LYS A 205 -16.45 -1.23 -4.88
CA LYS A 205 -16.11 -0.59 -6.13
C LYS A 205 -16.26 -1.60 -7.26
N PRO A 206 -17.11 -1.35 -8.24
CA PRO A 206 -17.45 -2.38 -9.24
C PRO A 206 -16.36 -2.55 -10.29
N LEU A 207 -16.46 -3.65 -11.01
CA LEU A 207 -15.72 -3.82 -12.25
C LEU A 207 -16.57 -3.33 -13.41
N TYR A 208 -15.93 -2.83 -14.45
CA TYR A 208 -16.64 -2.49 -15.68
C TYR A 208 -16.25 -3.51 -16.76
N VAL A 209 -17.22 -4.34 -17.14
CA VAL A 209 -16.97 -5.47 -18.04
C VAL A 209 -17.55 -5.16 -19.41
N SER A 210 -16.78 -5.43 -20.46
CA SER A 210 -17.27 -5.26 -21.82
C SER A 210 -16.75 -6.39 -22.72
N VAL A 211 -17.42 -6.56 -23.86
CA VAL A 211 -17.03 -7.58 -24.83
C VAL A 211 -15.75 -7.16 -25.54
N GLY A 212 -14.78 -8.05 -25.59
CA GLY A 212 -13.65 -7.85 -26.47
C GLY A 212 -13.95 -8.47 -27.83
N HIS A 213 -14.15 -9.79 -27.87
CA HIS A 213 -14.24 -10.51 -29.13
C HIS A 213 -14.75 -11.92 -28.88
N ARG A 214 -15.66 -12.40 -29.75
CA ARG A 214 -16.12 -13.78 -29.74
C ARG A 214 -16.73 -14.18 -28.39
N ILE A 215 -17.52 -13.28 -27.80
CA ILE A 215 -18.24 -13.60 -26.58
C ILE A 215 -19.41 -12.62 -26.45
N SER A 216 -20.48 -13.05 -25.81
CA SER A 216 -21.58 -12.13 -25.50
C SER A 216 -21.31 -11.43 -24.18
N LEU A 217 -21.98 -10.28 -24.01
CA LEU A 217 -21.80 -9.51 -22.77
C LEU A 217 -22.26 -10.31 -21.55
N GLU A 218 -23.41 -10.96 -21.64
CA GLU A 218 -23.96 -11.70 -20.49
C GLU A 218 -23.03 -12.85 -20.09
N VAL A 219 -22.46 -13.53 -21.07
CA VAL A 219 -21.48 -14.57 -20.76
C VAL A 219 -20.20 -13.96 -20.18
N ALA A 220 -19.73 -12.86 -20.77
CA ALA A 220 -18.51 -12.21 -20.28
C ALA A 220 -18.64 -11.82 -18.80
N VAL A 221 -19.77 -11.21 -18.44
N VAL A 221 -19.78 -11.27 -18.39
CA VAL A 221 -20.02 -10.81 -17.06
CA VAL A 221 -19.88 -10.81 -17.02
C VAL A 221 -19.94 -12.02 -16.14
C VAL A 221 -20.08 -11.97 -16.05
N ARG A 222 -20.70 -13.06 -16.49
CA ARG A 222 -20.86 -14.20 -15.61
C ARG A 222 -19.55 -14.94 -15.41
N LEU A 223 -18.75 -15.08 -16.46
CA LEU A 223 -17.43 -15.70 -16.32
C LEU A 223 -16.50 -14.84 -15.44
N THR A 224 -16.48 -13.53 -15.68
CA THR A 224 -15.68 -12.65 -14.85
C THR A 224 -16.04 -12.85 -13.38
N HIS A 225 -17.34 -12.89 -13.08
CA HIS A 225 -17.77 -13.13 -11.71
C HIS A 225 -17.17 -14.42 -11.16
N HIS A 226 -17.20 -15.51 -11.96
CA HIS A 226 -16.69 -16.79 -11.51
C HIS A 226 -15.18 -16.81 -11.32
N CYS A 227 -14.46 -15.87 -11.91
CA CYS A 227 -13.01 -15.81 -11.73
C CYS A 227 -12.57 -14.95 -10.55
N CYS A 228 -13.51 -14.39 -9.76
CA CYS A 228 -13.17 -13.41 -8.71
C CYS A 228 -13.11 -14.07 -7.34
N ARG A 229 -11.89 -14.35 -6.86
CA ARG A 229 -11.71 -14.61 -5.44
C ARG A 229 -11.70 -13.30 -4.66
N PHE A 230 -11.04 -12.29 -5.20
CA PHE A 230 -11.04 -10.93 -4.67
C PHE A 230 -11.70 -10.04 -5.70
N ARG A 231 -11.54 -8.72 -5.54
CA ARG A 231 -12.17 -7.79 -6.47
C ARG A 231 -11.70 -8.02 -7.90
N ILE A 232 -10.40 -8.17 -8.07
CA ILE A 232 -9.78 -8.33 -9.38
C ILE A 232 -9.88 -9.80 -9.79
N PRO A 233 -10.38 -10.10 -10.98
CA PRO A 233 -10.46 -11.50 -11.45
C PRO A 233 -9.10 -12.19 -11.39
N GLU A 234 -9.10 -13.41 -10.88
CA GLU A 234 -7.85 -14.12 -10.64
C GLU A 234 -6.87 -14.15 -11.82
N PRO A 235 -7.28 -14.29 -13.10
CA PRO A 235 -6.26 -14.23 -14.19
C PRO A 235 -5.55 -12.88 -14.30
N ILE A 236 -6.29 -11.78 -14.27
CA ILE A 236 -5.69 -10.43 -14.30
C ILE A 236 -4.86 -10.20 -13.05
N ARG A 237 -5.34 -10.67 -11.91
CA ARG A 237 -4.65 -10.46 -10.64
C ARG A 237 -3.32 -11.21 -10.61
N GLN A 238 -3.30 -12.44 -11.10
CA GLN A 238 -2.07 -13.23 -11.07
C GLN A 238 -1.04 -12.72 -12.05
N ALA A 239 -1.49 -12.16 -13.18
CA ALA A 239 -0.58 -11.49 -14.11
C ALA A 239 0.01 -10.22 -13.51
N ASP A 240 -0.82 -9.44 -12.81
CA ASP A 240 -0.33 -8.28 -12.05
C ASP A 240 0.72 -8.67 -11.03
N ILE A 241 0.44 -9.71 -10.24
CA ILE A 241 1.37 -10.10 -9.19
C ILE A 241 2.70 -10.52 -9.81
N ARG A 242 2.64 -11.33 -10.88
CA ARG A 242 3.86 -11.90 -11.42
C ARG A 242 4.69 -10.85 -12.15
N SER A 243 4.05 -9.83 -12.73
CA SER A 243 4.83 -8.82 -13.41
CA SER A 243 4.79 -8.78 -13.41
C SER A 243 5.60 -7.96 -12.41
N ARG A 244 4.97 -7.57 -11.30
CA ARG A 244 5.77 -6.78 -10.36
C ARG A 244 6.76 -7.66 -9.61
N GLU A 245 6.41 -8.91 -9.32
CA GLU A 245 7.38 -9.81 -8.68
C GLU A 245 8.50 -10.19 -9.64
N TYR A 246 8.22 -10.21 -10.94
CA TYR A 246 9.29 -10.39 -11.90
C TYR A 246 10.22 -9.18 -11.95
N ILE A 247 9.67 -7.97 -11.78
CA ILE A 247 10.49 -6.76 -11.70
C ILE A 247 11.41 -6.82 -10.47
N ARG A 248 10.85 -7.21 -9.33
CA ARG A 248 11.65 -7.31 -8.11
C ARG A 248 12.85 -8.21 -8.29
N ARG A 249 12.75 -9.22 -9.18
CA ARG A 249 13.85 -10.16 -9.36
C ARG A 249 15.03 -9.51 -10.09
N THR A 250 14.77 -8.78 -11.19
CA THR A 250 15.88 -8.12 -11.86
C THR A 250 16.27 -6.80 -11.18
N LEU A 251 15.30 -5.94 -10.86
CA LEU A 251 15.57 -4.72 -10.09
C LEU A 251 15.49 -5.04 -8.60
N GLY A 252 16.61 -4.94 -7.91
CA GLY A 252 16.65 -5.21 -6.49
C GLY A 252 16.71 -6.71 -6.20
N ARG B 8 25.01 -9.38 12.51
CA ARG B 8 24.78 -9.21 13.94
C ARG B 8 26.11 -9.01 14.69
N PRO B 9 26.16 -8.05 15.62
CA PRO B 9 27.42 -7.76 16.30
C PRO B 9 27.80 -8.90 17.23
N PRO B 10 29.10 -9.12 17.44
CA PRO B 10 29.53 -10.13 18.41
C PRO B 10 29.16 -9.72 19.84
N GLU B 11 29.14 -10.74 20.72
CA GLU B 11 28.74 -10.51 22.10
C GLU B 11 29.62 -9.49 22.81
N GLU B 12 30.90 -9.39 22.43
CA GLU B 12 31.76 -8.38 23.02
C GLU B 12 31.24 -6.97 22.75
N THR B 13 30.59 -6.75 21.61
CA THR B 13 30.04 -5.44 21.31
C THR B 13 28.71 -5.23 22.03
N LEU B 14 27.84 -6.25 22.02
CA LEU B 14 26.60 -6.15 22.77
C LEU B 14 26.85 -5.94 24.25
N SER B 15 27.91 -6.56 24.79
CA SER B 15 28.25 -6.35 26.20
C SER B 15 28.55 -4.88 26.49
N LEU B 16 29.33 -4.26 25.61
CA LEU B 16 29.64 -2.85 25.79
C LEU B 16 28.36 -2.02 25.76
N TRP B 17 27.46 -2.34 24.84
CA TRP B 17 26.21 -1.58 24.73
C TRP B 17 25.35 -1.73 25.99
N LYS B 18 25.25 -2.94 26.53
CA LYS B 18 24.54 -3.10 27.80
C LYS B 18 25.17 -2.24 28.89
N GLY B 19 26.51 -2.16 28.92
CA GLY B 19 27.16 -1.35 29.93
C GLY B 19 26.81 0.12 29.79
N GLU B 20 26.72 0.63 28.55
CA GLU B 20 26.34 2.01 28.34
C GLU B 20 24.88 2.26 28.69
N GLN B 21 23.98 1.31 28.39
CA GLN B 21 22.59 1.46 28.80
C GLN B 21 22.48 1.56 30.31
N ALA B 22 23.26 0.75 31.03
CA ALA B 22 23.22 0.80 32.50
C ALA B 22 23.71 2.15 33.03
N ARG B 23 24.79 2.70 32.45
CA ARG B 23 25.30 3.99 32.93
C ARG B 23 24.28 5.10 32.70
N LEU B 24 23.74 5.19 31.48
CA LEU B 24 22.83 6.29 31.14
C LEU B 24 21.49 6.17 31.85
N LYS B 25 21.06 4.97 32.22
CA LYS B 25 19.75 4.81 32.86
C LYS B 25 19.61 5.66 34.12
N ALA B 26 20.72 5.93 34.80
CA ALA B 26 20.70 6.69 36.04
C ALA B 26 20.13 8.10 35.87
N ARG B 27 20.19 8.64 34.66
CA ARG B 27 19.72 10.01 34.43
C ARG B 27 18.25 10.08 34.01
N VAL B 28 17.54 8.95 33.87
CA VAL B 28 16.13 9.01 33.49
C VAL B 28 15.31 9.64 34.60
N VAL B 29 14.38 10.51 34.21
CA VAL B 29 13.44 11.13 35.14
C VAL B 29 12.04 10.67 34.72
N ASP B 30 11.37 9.90 35.58
CA ASP B 30 10.07 9.34 35.20
C ASP B 30 8.91 10.09 35.85
N ARG B 31 9.00 11.42 35.97
CA ARG B 31 7.89 12.22 36.44
C ARG B 31 7.87 13.52 35.64
N ASP B 32 6.78 14.27 35.79
CA ASP B 32 6.60 15.51 35.05
C ASP B 32 7.50 16.61 35.60
N THR B 33 8.18 17.34 34.71
CA THR B 33 9.03 18.44 35.14
C THR B 33 8.71 19.74 34.40
N GLU B 34 7.62 19.78 33.64
CA GLU B 34 7.23 20.92 32.83
C GLU B 34 5.83 21.36 33.22
N ALA B 35 5.61 22.68 33.25
CA ALA B 35 4.35 23.23 33.76
C ALA B 35 3.16 22.80 32.91
N TRP B 36 3.32 22.76 31.59
CA TRP B 36 2.21 22.36 30.73
C TRP B 36 1.80 20.92 31.01
N GLN B 37 2.71 20.10 31.50
CA GLN B 37 2.38 18.70 31.76
C GLN B 37 1.39 18.57 32.91
N ARG B 38 1.47 19.44 33.92
CA ARG B 38 0.55 19.36 35.03
C ARG B 38 -0.70 20.21 34.83
N ASP B 39 -0.90 20.76 33.63
CA ASP B 39 -2.09 21.52 33.27
C ASP B 39 -3.16 20.59 32.74
N PRO B 40 -4.41 20.75 33.19
CA PRO B 40 -5.50 19.87 32.73
C PRO B 40 -5.63 19.75 31.21
N SER B 41 -5.30 20.79 30.43
CA SER B 41 -5.42 20.72 28.98
C SER B 41 -4.10 20.95 28.25
N PHE B 42 -2.97 20.76 28.96
CA PHE B 42 -1.63 20.97 28.40
C PHE B 42 -1.44 22.39 27.89
N SER B 43 -2.17 23.36 28.45
CA SER B 43 -1.97 24.76 28.09
C SER B 43 -0.52 25.14 28.33
N GLY B 44 0.08 25.85 27.37
CA GLY B 44 1.51 26.11 27.38
C GLY B 44 2.31 25.18 26.48
N LEU B 45 1.72 24.05 26.08
CA LEU B 45 2.38 23.18 25.12
C LEU B 45 2.18 23.75 23.71
N GLN B 46 3.27 24.01 23.00
CA GLN B 46 3.15 24.60 21.68
C GLN B 46 3.82 23.79 20.58
N LYS B 47 4.78 22.93 20.91
CA LYS B 47 5.63 22.29 19.90
C LYS B 47 5.82 20.84 20.29
N VAL B 48 5.43 19.91 19.41
CA VAL B 48 5.63 18.49 19.66
C VAL B 48 6.51 17.92 18.55
N GLY B 49 7.57 17.21 18.93
CA GLY B 49 8.49 16.63 17.97
C GLY B 49 8.19 15.18 17.66
N GLY B 50 8.61 14.75 16.48
CA GLY B 50 8.58 13.34 16.11
C GLY B 50 9.84 13.01 15.32
N VAL B 51 10.30 11.77 15.46
CA VAL B 51 11.50 11.30 14.77
C VAL B 51 11.19 10.02 14.02
N ASP B 52 12.05 9.71 13.04
CA ASP B 52 11.98 8.47 12.29
C ASP B 52 13.33 8.17 11.66
N VAL B 53 13.66 6.88 11.52
CA VAL B 53 14.79 6.43 10.72
C VAL B 53 14.29 5.30 9.83
N SER B 54 14.20 5.55 8.53
CA SER B 54 13.73 4.59 7.56
C SER B 54 14.88 4.17 6.63
N PHE B 55 14.91 2.90 6.27
CA PHE B 55 15.99 2.35 5.48
C PHE B 55 15.53 2.18 4.04
N VAL B 56 16.49 2.23 3.11
CA VAL B 56 16.18 2.03 1.70
C VAL B 56 15.98 0.56 1.41
N LYS B 57 14.88 0.23 0.73
CA LYS B 57 14.61 -1.14 0.29
C LYS B 57 15.78 -1.67 -0.55
N GLY B 58 16.36 -2.80 -0.10
CA GLY B 58 17.45 -3.42 -0.81
C GLY B 58 18.84 -3.03 -0.32
N ASP B 59 18.98 -1.85 0.30
CA ASP B 59 20.21 -1.40 0.92
C ASP B 59 20.03 -1.47 2.44
N SER B 60 20.75 -2.39 3.08
CA SER B 60 20.71 -2.44 4.53
C SER B 60 21.31 -1.18 5.14
N VAL B 61 22.36 -0.64 4.49
CA VAL B 61 23.20 0.34 5.18
C VAL B 61 22.66 1.76 5.08
N ARG B 62 22.07 2.13 3.94
CA ARG B 62 21.65 3.52 3.74
C ARG B 62 20.25 3.77 4.28
N ALA B 63 20.10 4.84 5.06
CA ALA B 63 18.88 5.12 5.78
C ALA B 63 18.65 6.63 5.76
N CYS B 64 17.43 7.03 6.08
CA CYS B 64 17.07 8.43 6.15
C CYS B 64 16.54 8.72 7.55
N ALA B 65 17.20 9.64 8.24
CA ALA B 65 16.77 10.13 9.56
C ALA B 65 16.00 11.43 9.39
N SER B 66 14.91 11.55 10.13
CA SER B 66 13.98 12.67 9.95
CA SER B 66 13.98 12.66 9.96
C SER B 66 13.52 13.15 11.32
N LEU B 67 13.41 14.47 11.45
CA LEU B 67 12.91 15.15 12.64
C LEU B 67 11.85 16.13 12.18
N VAL B 68 10.66 16.08 12.77
CA VAL B 68 9.63 17.07 12.51
C VAL B 68 9.19 17.70 13.82
N VAL B 69 8.74 18.95 13.75
CA VAL B 69 8.12 19.64 14.87
C VAL B 69 6.74 20.10 14.42
N LEU B 70 5.72 19.79 15.23
CA LEU B 70 4.35 20.17 14.93
C LEU B 70 3.86 21.17 15.95
N SER B 71 3.02 22.08 15.50
CA SER B 71 2.33 22.95 16.44
C SER B 71 1.31 22.16 17.24
N TYR B 72 1.07 22.62 18.46
CA TYR B 72 0.05 22.02 19.30
C TYR B 72 -0.92 23.12 19.74
N PRO B 73 -2.23 22.87 19.66
CA PRO B 73 -2.91 21.61 19.35
C PRO B 73 -3.25 21.35 17.85
N GLU B 74 -2.88 22.27 16.96
CA GLU B 74 -3.31 22.17 15.55
C GLU B 74 -2.60 21.05 14.80
N LEU B 75 -1.46 20.57 15.29
CA LEU B 75 -0.74 19.44 14.69
C LEU B 75 -0.31 19.73 13.27
N LYS B 76 0.14 20.96 13.01
CA LYS B 76 0.66 21.36 11.71
C LYS B 76 2.17 21.37 11.76
N VAL B 77 2.80 20.88 10.69
CA VAL B 77 4.25 20.83 10.61
C VAL B 77 4.82 22.25 10.53
N VAL B 78 5.66 22.60 11.50
CA VAL B 78 6.37 23.88 11.48
C VAL B 78 7.87 23.73 11.29
N TYR B 79 8.40 22.52 11.37
CA TYR B 79 9.82 22.29 11.09
C TYR B 79 9.99 20.86 10.60
N GLU B 80 10.88 20.68 9.63
CA GLU B 80 11.16 19.34 9.15
C GLU B 80 12.58 19.28 8.63
N ASP B 81 13.27 18.18 8.89
CA ASP B 81 14.65 18.02 8.46
C ASP B 81 14.92 16.54 8.24
N SER B 82 15.60 16.22 7.15
CA SER B 82 15.97 14.84 6.84
C SER B 82 17.43 14.77 6.45
N ARG B 83 18.05 13.62 6.71
CA ARG B 83 19.44 13.42 6.36
C ARG B 83 19.64 11.95 6.00
N MET B 84 20.26 11.71 4.83
CA MET B 84 20.70 10.37 4.48
C MET B 84 21.93 10.01 5.29
N VAL B 85 21.91 8.85 5.93
CA VAL B 85 22.95 8.44 6.84
C VAL B 85 23.41 7.03 6.51
N GLY B 86 24.61 6.71 7.01
CA GLY B 86 25.22 5.41 6.84
C GLY B 86 25.18 4.68 8.16
N LEU B 87 24.60 3.49 8.14
CA LEU B 87 24.34 2.75 9.37
C LEU B 87 25.49 1.82 9.71
N LYS B 88 25.98 1.96 10.95
CA LYS B 88 27.13 1.23 11.47
C LYS B 88 26.73 0.03 12.32
N ALA B 89 25.47 -0.42 12.21
CA ALA B 89 24.99 -1.52 13.03
C ALA B 89 23.67 -2.06 12.50
N PRO B 90 23.48 -3.37 12.46
CA PRO B 90 22.17 -3.92 12.08
C PRO B 90 21.19 -3.75 13.24
N TYR B 91 19.95 -4.11 12.98
CA TYR B 91 18.90 -4.04 13.99
C TYR B 91 19.04 -5.23 14.93
N VAL B 92 19.22 -4.95 16.22
CA VAL B 92 19.11 -5.95 17.27
C VAL B 92 18.09 -5.44 18.29
N SER B 93 17.08 -6.25 18.56
CA SER B 93 16.06 -5.89 19.54
C SER B 93 16.70 -5.66 20.90
N GLY B 94 16.34 -4.55 21.56
CA GLY B 94 16.97 -4.16 22.80
C GLY B 94 18.14 -3.22 22.64
N PHE B 95 18.61 -3.03 21.42
CA PHE B 95 19.73 -2.14 21.13
C PHE B 95 19.38 -1.20 19.99
N LEU B 96 18.09 -0.88 19.83
CA LEU B 96 17.65 0.01 18.77
C LEU B 96 18.39 1.35 18.80
N ALA B 97 18.66 1.86 20.01
CA ALA B 97 19.33 3.16 20.11
C ALA B 97 20.70 3.18 19.44
N PHE B 98 21.42 2.05 19.45
CA PHE B 98 22.78 2.06 18.93
C PHE B 98 22.81 2.03 17.42
N ARG B 99 21.65 1.93 16.80
CA ARG B 99 21.47 2.05 15.37
C ARG B 99 21.16 3.48 14.99
N GLU B 100 20.25 4.12 15.73
CA GLU B 100 19.68 5.38 15.29
C GLU B 100 19.91 6.60 16.16
N VAL B 101 20.15 6.46 17.47
CA VAL B 101 20.20 7.65 18.34
CA VAL B 101 20.22 7.64 18.35
C VAL B 101 21.30 8.62 17.94
N PRO B 102 22.50 8.19 17.48
CA PRO B 102 23.48 9.22 17.08
C PRO B 102 22.96 10.14 15.99
N PHE B 103 22.16 9.62 15.05
CA PHE B 103 21.66 10.49 13.99
C PHE B 103 20.55 11.43 14.46
N LEU B 104 19.71 10.98 15.38
CA LEU B 104 18.65 11.84 15.90
C LEU B 104 19.22 12.97 16.75
N VAL B 105 20.23 12.69 17.57
CA VAL B 105 20.89 13.73 18.36
C VAL B 105 21.44 14.81 17.43
N GLU B 106 22.11 14.41 16.35
CA GLU B 106 22.64 15.40 15.41
C GLU B 106 21.52 16.20 14.75
N LEU B 107 20.38 15.57 14.47
CA LEU B 107 19.25 16.34 13.95
C LEU B 107 18.78 17.39 14.96
N VAL B 108 18.68 17.02 16.23
CA VAL B 108 18.24 17.97 17.26
C VAL B 108 19.23 19.11 17.38
N GLN B 109 20.52 18.81 17.32
CA GLN B 109 21.53 19.85 17.35
C GLN B 109 21.45 20.77 16.13
N ARG B 110 21.10 20.21 14.96
CA ARG B 110 20.95 21.06 13.78
C ARG B 110 19.77 22.01 13.94
N LEU B 111 18.65 21.53 14.49
CA LEU B 111 17.53 22.40 14.82
C LEU B 111 17.94 23.51 15.77
N GLN B 112 18.70 23.16 16.82
CA GLN B 112 19.15 24.17 17.76
C GLN B 112 19.97 25.25 17.06
N GLU B 113 20.75 24.86 16.04
CA GLU B 113 21.60 25.84 15.40
C GLU B 113 20.84 26.65 14.36
N LYS B 114 19.82 26.08 13.73
CA LYS B 114 19.11 26.77 12.66
C LYS B 114 17.82 27.45 13.09
N GLU B 115 16.99 26.82 13.91
CA GLU B 115 15.71 27.39 14.34
C GLU B 115 15.50 27.11 15.82
N PRO B 116 16.32 27.72 16.68
CA PRO B 116 16.26 27.38 18.12
C PRO B 116 14.90 27.67 18.75
N ASP B 117 14.14 28.63 18.23
CA ASP B 117 12.81 28.87 18.77
C ASP B 117 11.81 27.77 18.42
N LEU B 118 12.14 26.87 17.50
CA LEU B 118 11.23 25.77 17.20
C LEU B 118 11.61 24.50 17.95
N MET B 119 12.48 24.60 18.96
CA MET B 119 12.84 23.41 19.74
C MET B 119 11.58 22.80 20.36
N PRO B 120 11.32 21.51 20.16
CA PRO B 120 10.08 20.94 20.67
C PRO B 120 10.12 20.81 22.19
N GLN B 121 8.95 20.85 22.81
CA GLN B 121 8.82 20.69 24.25
C GLN B 121 8.73 19.24 24.68
N VAL B 122 8.51 18.33 23.73
CA VAL B 122 8.40 16.90 23.98
C VAL B 122 8.57 16.22 22.63
N VAL B 123 9.19 15.05 22.63
CA VAL B 123 9.41 14.29 21.41
C VAL B 123 8.69 12.96 21.51
N LEU B 124 7.92 12.60 20.48
CA LEU B 124 7.34 11.26 20.37
C LEU B 124 8.32 10.39 19.58
N VAL B 125 8.73 9.28 20.17
CA VAL B 125 9.71 8.38 19.55
C VAL B 125 9.01 7.10 19.13
N ASP B 126 9.33 6.59 17.95
CA ASP B 126 8.79 5.33 17.45
C ASP B 126 9.62 4.18 18.02
N GLY B 127 9.24 3.74 19.21
CA GLY B 127 9.97 2.72 19.94
C GLY B 127 9.76 2.95 21.43
N ASN B 128 10.08 1.93 22.21
CA ASN B 128 9.79 1.98 23.64
C ASN B 128 10.76 2.88 24.41
N GLY B 129 10.27 3.33 25.57
CA GLY B 129 11.10 3.95 26.60
C GLY B 129 11.48 2.92 27.66
N VAL B 130 10.89 3.02 28.85
CA VAL B 130 11.30 2.10 29.93
C VAL B 130 10.75 0.70 29.75
N LEU B 131 9.77 0.51 28.87
CA LEU B 131 9.31 -0.83 28.53
C LEU B 131 10.37 -1.50 27.64
N HIS B 132 11.32 -2.21 28.24
CA HIS B 132 12.57 -2.52 27.56
C HIS B 132 13.29 -3.61 28.32
N GLN B 133 14.10 -4.40 27.59
CA GLN B 133 14.82 -5.53 28.20
C GLN B 133 15.61 -5.10 29.44
N ARG B 134 16.28 -3.95 29.38
CA ARG B 134 17.05 -3.42 30.49
C ARG B 134 16.50 -2.10 31.01
N GLY B 135 15.22 -1.81 30.71
CA GLY B 135 14.57 -0.60 31.20
C GLY B 135 15.11 0.71 30.64
N PHE B 136 15.72 0.69 29.45
CA PHE B 136 16.32 1.88 28.91
C PHE B 136 16.27 1.79 27.39
N GLY B 137 15.06 1.97 26.85
CA GLY B 137 14.84 1.90 25.42
C GLY B 137 15.24 3.17 24.70
N VAL B 138 15.07 3.14 23.38
CA VAL B 138 15.51 4.26 22.55
C VAL B 138 14.87 5.58 22.99
N ALA B 139 13.64 5.56 23.53
CA ALA B 139 13.04 6.83 23.93
C ALA B 139 13.69 7.41 25.18
N CYS B 140 14.09 6.55 26.14
CA CYS B 140 14.89 7.03 27.26
C CYS B 140 16.24 7.51 26.78
N HIS B 141 16.82 6.78 25.84
CA HIS B 141 18.17 7.07 25.38
C HIS B 141 18.22 8.43 24.70
N LEU B 142 17.24 8.71 23.84
CA LEU B 142 17.17 10.02 23.20
C LEU B 142 16.91 11.11 24.22
N GLY B 143 16.00 10.86 25.15
CA GLY B 143 15.68 11.84 26.17
C GLY B 143 16.87 12.20 27.03
N VAL B 144 17.68 11.20 27.40
CA VAL B 144 18.83 11.48 28.26
C VAL B 144 19.94 12.20 27.49
N LEU B 145 20.14 11.87 26.21
CA LEU B 145 21.20 12.55 25.47
C LEU B 145 20.82 13.96 25.07
N THR B 146 19.55 14.27 24.92
CA THR B 146 19.18 15.64 24.57
C THR B 146 18.62 16.42 25.76
N GLU B 147 18.28 15.74 26.85
CA GLU B 147 17.54 16.26 27.98
C GLU B 147 16.14 16.75 27.62
N LEU B 148 15.60 16.41 26.41
CA LEU B 148 14.20 16.70 26.10
C LEU B 148 13.26 15.68 26.73
N PRO B 149 12.06 16.10 27.13
CA PRO B 149 11.01 15.13 27.47
C PRO B 149 10.69 14.24 26.26
N CYS B 150 10.60 12.94 26.49
CA CYS B 150 10.35 11.98 25.42
C CYS B 150 9.31 10.97 25.85
N ILE B 151 8.52 10.52 24.86
CA ILE B 151 7.51 9.47 25.01
C ILE B 151 7.85 8.35 24.03
N GLY B 152 7.80 7.11 24.52
CA GLY B 152 7.96 5.94 23.67
C GLY B 152 6.62 5.45 23.15
N VAL B 153 6.51 5.27 21.83
CA VAL B 153 5.31 4.76 21.20
C VAL B 153 5.71 3.59 20.31
N ALA B 154 5.19 2.40 20.62
CA ALA B 154 5.50 1.19 19.87
C ALA B 154 4.24 0.60 19.29
N MET B 155 4.38 -0.08 18.13
CA MET B 155 3.30 -0.76 17.42
C MET B 155 3.14 -2.21 17.82
N LYS B 156 4.23 -2.85 18.27
CA LYS B 156 4.21 -4.22 18.72
C LYS B 156 4.64 -4.25 20.18
N LEU B 157 4.26 -5.31 20.87
CA LEU B 157 4.56 -5.44 22.28
C LEU B 157 5.93 -6.07 22.42
N LEU B 158 6.85 -5.34 23.05
CA LEU B 158 8.14 -5.93 23.37
C LEU B 158 7.95 -6.87 24.55
N GLN B 159 8.22 -8.15 24.34
CA GLN B 159 7.85 -9.16 25.31
C GLN B 159 8.99 -9.28 26.31
N VAL B 160 8.91 -8.47 27.37
CA VAL B 160 9.92 -8.37 28.42
C VAL B 160 9.22 -8.39 29.78
N ASP B 161 9.91 -8.97 30.77
CA ASP B 161 9.45 -9.02 32.16
C ASP B 161 8.01 -9.55 32.27
N GLY B 162 7.78 -10.71 31.66
CA GLY B 162 6.50 -11.39 31.77
C GLY B 162 5.42 -10.91 30.82
N LEU B 163 5.65 -9.86 30.06
CA LEU B 163 4.66 -9.41 29.10
C LEU B 163 4.65 -10.33 27.89
N GLU B 164 3.45 -10.65 27.43
CA GLU B 164 3.26 -11.66 26.38
C GLU B 164 2.07 -11.26 25.53
N ASN B 165 2.25 -11.36 24.21
CA ASN B 165 1.15 -11.12 23.27
C ASN B 165 0.43 -12.44 23.02
N ASN B 166 -0.14 -12.97 24.09
CA ASN B 166 -0.82 -14.24 24.11
C ASN B 166 -2.33 -14.04 23.92
N ALA B 167 -3.11 -15.08 24.19
CA ALA B 167 -4.57 -14.98 24.06
C ALA B 167 -5.16 -14.02 25.09
N LEU B 168 -4.66 -14.06 26.33
CA LEU B 168 -5.13 -13.12 27.35
C LEU B 168 -4.84 -11.67 26.97
N HIS B 169 -3.67 -11.42 26.37
CA HIS B 169 -3.37 -10.06 25.92
C HIS B 169 -4.33 -9.63 24.83
N LYS B 170 -4.64 -10.54 23.89
CA LYS B 170 -5.57 -10.22 22.81
C LYS B 170 -6.99 -9.99 23.33
N GLU B 171 -7.35 -10.67 24.43
CA GLU B 171 -8.66 -10.44 25.05
C GLU B 171 -8.77 -9.02 25.57
N LYS B 172 -7.73 -8.53 26.26
CA LYS B 172 -7.74 -7.18 26.80
C LYS B 172 -7.85 -6.15 25.69
N ILE B 173 -7.21 -6.39 24.56
CA ILE B 173 -7.34 -5.49 23.42
C ILE B 173 -8.80 -5.39 22.98
N VAL B 174 -9.53 -6.51 23.03
CA VAL B 174 -10.94 -6.51 22.65
C VAL B 174 -11.77 -5.63 23.58
N LEU B 175 -11.46 -5.63 24.88
CA LEU B 175 -12.20 -4.81 25.83
C LEU B 175 -11.97 -3.32 25.65
N LEU B 176 -10.93 -2.91 24.91
CA LEU B 176 -10.76 -1.50 24.56
C LEU B 176 -11.84 -1.13 23.53
N GLN B 177 -12.74 -0.21 23.91
CA GLN B 177 -13.96 0.00 23.15
C GLN B 177 -13.91 1.22 22.25
N ALA B 178 -13.30 2.31 22.72
CA ALA B 178 -13.22 3.56 21.96
C ALA B 178 -11.81 4.13 22.06
N GLY B 179 -11.56 5.14 21.24
CA GLY B 179 -10.31 5.86 21.33
C GLY B 179 -10.15 6.49 22.71
N GLY B 180 -8.98 6.30 23.32
CA GLY B 180 -8.72 6.75 24.66
C GLY B 180 -8.76 5.66 25.72
N ASP B 181 -9.41 4.53 25.43
CA ASP B 181 -9.42 3.41 26.37
C ASP B 181 -8.04 2.80 26.48
N THR B 182 -7.69 2.34 27.69
CA THR B 182 -6.35 1.87 27.98
C THR B 182 -6.42 0.66 28.91
N PHE B 183 -5.34 -0.11 28.91
CA PHE B 183 -5.09 -1.02 30.03
C PHE B 183 -3.60 -1.06 30.31
N PRO B 184 -3.21 -1.26 31.56
CA PRO B 184 -1.79 -1.18 31.91
C PRO B 184 -1.03 -2.45 31.56
N LEU B 185 0.24 -2.25 31.23
CA LEU B 185 1.18 -3.35 30.99
C LEU B 185 1.98 -3.56 32.27
N ILE B 186 1.72 -4.66 32.96
CA ILE B 186 2.26 -4.94 34.29
C ILE B 186 3.35 -6.01 34.17
N GLY B 187 4.51 -5.75 34.79
CA GLY B 187 5.58 -6.71 34.84
C GLY B 187 5.40 -7.74 35.95
N SER B 188 6.19 -8.81 35.86
CA SER B 188 6.19 -9.85 36.89
C SER B 188 6.46 -9.28 38.27
N SER B 189 7.28 -8.24 38.35
CA SER B 189 7.53 -7.56 39.62
C SER B 189 6.29 -6.86 40.16
N GLY B 190 5.29 -6.62 39.32
CA GLY B 190 4.12 -5.84 39.70
C GLY B 190 4.16 -4.39 39.28
N THR B 191 5.26 -3.94 38.68
CA THR B 191 5.40 -2.55 38.26
C THR B 191 4.70 -2.31 36.92
N VAL B 192 4.23 -1.09 36.74
CA VAL B 192 3.58 -0.68 35.48
C VAL B 192 4.65 -0.17 34.53
N LEU B 193 4.85 -0.89 33.44
CA LEU B 193 5.90 -0.54 32.47
C LEU B 193 5.39 0.37 31.36
N GLY B 194 4.09 0.37 31.10
CA GLY B 194 3.53 1.17 30.02
C GLY B 194 2.03 1.00 29.99
N MET B 195 1.41 1.51 28.93
CA MET B 195 -0.01 1.34 28.71
C MET B 195 -0.26 0.90 27.28
N ALA B 196 -1.25 0.03 27.11
CA ALA B 196 -1.85 -0.21 25.81
C ALA B 196 -2.97 0.80 25.61
N LEU B 197 -2.95 1.49 24.48
CA LEU B 197 -3.88 2.58 24.25
C LEU B 197 -4.59 2.37 22.92
N ARG B 198 -5.92 2.42 22.94
CA ARG B 198 -6.65 2.49 21.69
C ARG B 198 -6.66 3.93 21.24
N SER B 199 -5.87 4.25 20.21
CA SER B 199 -5.59 5.63 19.89
C SER B 199 -6.67 6.28 19.05
N HIS B 200 -7.54 5.50 18.40
CA HIS B 200 -8.54 6.08 17.52
C HIS B 200 -9.77 5.17 17.45
N ASP B 201 -10.90 5.76 17.05
CA ASP B 201 -12.17 5.03 17.02
C ASP B 201 -12.20 3.99 15.90
N HIS B 202 -11.64 4.32 14.74
CA HIS B 202 -11.74 3.45 13.56
C HIS B 202 -10.52 2.58 13.39
N SER B 203 -9.82 2.31 14.49
CA SER B 203 -8.75 1.32 14.52
C SER B 203 -9.02 0.38 15.68
N THR B 204 -8.36 -0.77 15.63
CA THR B 204 -8.44 -1.77 16.70
C THR B 204 -7.10 -2.13 17.30
N LYS B 205 -6.00 -1.95 16.58
CA LYS B 205 -4.69 -2.33 17.09
C LYS B 205 -4.14 -1.22 17.97
N PRO B 206 -3.82 -1.50 19.23
CA PRO B 206 -3.43 -0.42 20.15
C PRO B 206 -2.01 0.08 19.91
N LEU B 207 -1.74 1.25 20.49
CA LEU B 207 -0.38 1.71 20.67
C LEU B 207 0.10 1.25 22.03
N TYR B 208 1.37 0.97 22.12
CA TYR B 208 2.02 0.66 23.40
C TYR B 208 2.87 1.86 23.78
N VAL B 209 2.46 2.56 24.86
CA VAL B 209 3.03 3.83 25.26
C VAL B 209 3.87 3.64 26.53
N SER B 210 5.06 4.24 26.56
CA SER B 210 5.89 4.15 27.76
C SER B 210 6.63 5.47 27.96
N VAL B 211 7.09 5.67 29.19
CA VAL B 211 7.82 6.88 29.53
C VAL B 211 9.24 6.80 28.96
N GLY B 212 9.63 7.83 28.22
CA GLY B 212 11.03 7.97 27.87
C GLY B 212 11.77 8.75 28.94
N HIS B 213 11.38 10.01 29.18
CA HIS B 213 12.17 10.89 30.04
C HIS B 213 11.37 12.13 30.33
N ARG B 214 11.43 12.59 31.59
CA ARG B 214 10.85 13.87 32.03
C ARG B 214 9.34 13.95 31.81
N ILE B 215 8.63 12.85 32.04
CA ILE B 215 7.18 12.84 31.90
C ILE B 215 6.66 11.64 32.67
N SER B 216 5.43 11.75 33.18
CA SER B 216 4.76 10.62 33.78
C SER B 216 4.00 9.80 32.72
N LEU B 217 3.69 8.55 33.07
CA LEU B 217 2.98 7.66 32.14
C LEU B 217 1.58 8.20 31.82
N GLU B 218 0.85 8.66 32.84
CA GLU B 218 -0.52 9.12 32.60
C GLU B 218 -0.52 10.33 31.66
N VAL B 219 0.43 11.25 31.84
CA VAL B 219 0.54 12.37 30.92
C VAL B 219 0.97 11.91 29.54
N ALA B 220 1.96 11.00 29.46
CA ALA B 220 2.40 10.49 28.16
C ALA B 220 1.24 9.86 27.40
N VAL B 221 0.42 9.08 28.10
CA VAL B 221 -0.72 8.41 27.46
C VAL B 221 -1.70 9.44 26.92
N ARG B 222 -2.09 10.41 27.77
CA ARG B 222 -3.08 11.40 27.36
C ARG B 222 -2.56 12.29 26.23
N LEU B 223 -1.28 12.67 26.26
CA LEU B 223 -0.75 13.46 25.16
C LEU B 223 -0.69 12.66 23.85
N THR B 224 -0.20 11.42 23.92
CA THR B 224 -0.20 10.57 22.73
C THR B 224 -1.58 10.53 22.10
N HIS B 225 -2.60 10.33 22.92
CA HIS B 225 -3.97 10.28 22.41
C HIS B 225 -4.34 11.57 21.67
N HIS B 226 -3.98 12.72 22.22
CA HIS B 226 -4.35 13.99 21.62
C HIS B 226 -3.62 14.25 20.30
N CYS B 227 -2.53 13.56 20.02
CA CYS B 227 -1.83 13.75 18.76
C CYS B 227 -2.31 12.79 17.67
N CYS B 228 -3.35 12.01 17.93
CA CYS B 228 -3.81 10.96 17.01
C CYS B 228 -4.98 11.47 16.18
N ARG B 229 -4.69 11.96 14.97
CA ARG B 229 -5.71 12.11 13.95
C ARG B 229 -6.06 10.75 13.34
N PHE B 230 -5.03 9.94 13.05
CA PHE B 230 -5.16 8.54 12.71
C PHE B 230 -4.61 7.68 13.83
N ARG B 231 -4.44 6.40 13.53
CA ARG B 231 -3.90 5.48 14.54
C ARG B 231 -2.52 5.92 15.03
N ILE B 232 -1.65 6.30 14.11
CA ILE B 232 -0.28 6.70 14.47
C ILE B 232 -0.30 8.16 14.91
N PRO B 233 0.26 8.51 16.05
CA PRO B 233 0.34 9.93 16.45
C PRO B 233 0.95 10.79 15.37
N GLU B 234 0.32 11.92 15.09
CA GLU B 234 0.72 12.79 13.99
C GLU B 234 2.22 13.15 13.94
N PRO B 235 2.94 13.40 15.05
CA PRO B 235 4.38 13.68 14.89
C PRO B 235 5.19 12.48 14.37
N ILE B 236 4.93 11.28 14.89
CA ILE B 236 5.60 10.08 14.38
C ILE B 236 5.17 9.79 12.94
N ARG B 237 3.90 10.06 12.62
CA ARG B 237 3.38 9.80 11.28
C ARG B 237 3.99 10.75 10.26
N GLN B 238 4.15 12.03 10.60
CA GLN B 238 4.72 12.99 9.66
C GLN B 238 6.21 12.78 9.47
N ALA B 239 6.90 12.29 10.51
CA ALA B 239 8.31 11.94 10.33
C ALA B 239 8.45 10.74 9.38
N ASP B 240 7.58 9.73 9.53
CA ASP B 240 7.54 8.60 8.60
C ASP B 240 7.32 9.07 7.16
N ILE B 241 6.29 9.90 6.96
CA ILE B 241 5.97 10.36 5.62
C ILE B 241 7.13 11.12 5.02
N ARG B 242 7.80 11.92 5.85
CA ARG B 242 8.89 12.75 5.35
C ARG B 242 10.10 11.93 4.96
N SER B 243 10.49 10.95 5.79
CA SER B 243 11.59 10.06 5.46
C SER B 243 11.35 9.36 4.13
N ARG B 244 10.14 8.87 3.90
CA ARG B 244 9.85 8.15 2.68
C ARG B 244 9.83 9.09 1.48
N GLU B 245 9.29 10.29 1.67
CA GLU B 245 9.30 11.25 0.57
C GLU B 245 10.72 11.74 0.30
N TYR B 246 11.57 11.87 1.34
CA TYR B 246 12.93 12.30 1.09
C TYR B 246 13.74 11.22 0.37
N ILE B 247 13.56 9.96 0.75
CA ILE B 247 14.24 8.86 0.06
C ILE B 247 13.87 8.85 -1.42
N ARG B 248 12.57 8.97 -1.71
CA ARG B 248 12.12 8.97 -3.10
C ARG B 248 12.82 10.04 -3.92
N ARG B 249 13.06 11.21 -3.33
CA ARG B 249 13.68 12.32 -4.04
C ARG B 249 15.19 12.12 -4.21
N THR B 250 15.87 11.55 -3.19
CA THR B 250 17.31 11.31 -3.36
C THR B 250 17.56 10.30 -4.45
N LEU B 251 16.64 9.36 -4.66
CA LEU B 251 16.71 8.41 -5.75
C LEU B 251 16.28 9.03 -7.08
N GLY B 252 15.83 10.28 -7.08
CA GLY B 252 15.40 10.96 -8.28
C GLY B 252 14.00 10.62 -8.74
N GLN B 253 13.32 9.71 -8.06
CA GLN B 253 11.99 9.26 -8.46
C GLN B 253 10.88 10.17 -7.93
MN MN E . -2.83 -5.30 -14.83
C1 GOL F . -13.31 -29.45 -16.53
O1 GOL F . -12.62 -30.42 -17.29
C2 GOL F . -14.07 -28.51 -17.44
O2 GOL F . -14.92 -29.24 -18.32
C3 GOL F . -14.91 -27.59 -16.56
O3 GOL F . -15.39 -26.51 -17.34
C1 GOL G . -23.88 -31.41 -18.67
O1 GOL G . -25.20 -31.57 -19.14
C2 GOL G . -23.34 -30.02 -18.99
O2 GOL G . -22.74 -29.98 -20.28
C3 GOL G . -24.45 -28.98 -18.86
O3 GOL G . -24.16 -28.16 -17.74
C1 EDO H . -21.12 -13.11 3.01
O1 EDO H . -21.12 -11.96 3.86
C2 EDO H . -19.76 -13.28 2.35
O2 EDO H . -18.83 -13.87 3.27
C1 PGE I . -22.07 -16.95 -7.46
O1 PGE I . -23.25 -16.40 -8.04
C2 PGE I . -21.09 -17.32 -8.55
O2 PGE I . -20.15 -18.26 -8.06
C3 PGE I . -19.16 -17.69 -7.23
C4 PGE I . -18.18 -16.92 -8.10
O4 PGE I . -14.17 -18.33 -7.28
C6 PGE I . -15.54 -18.37 -7.65
C5 PGE I . -16.39 -17.57 -6.67
O3 PGE I . -17.06 -16.51 -7.33
MN MN J . 8.90 5.69 12.14
C1 GOL K . -1.78 25.58 23.42
O1 GOL K . -1.41 24.75 24.50
C2 GOL K . -1.47 27.05 23.66
O2 GOL K . -0.66 27.25 24.81
C3 GOL K . -0.80 27.60 22.39
O3 GOL K . -0.96 29.01 22.32
C1 EDO L . -15.43 9.38 14.42
O1 EDO L . -14.88 9.88 15.64
C2 EDO L . -16.47 8.30 14.74
O2 EDO L . -16.93 7.70 13.52
MN MN M . -0.59 0.61 4.39
MN MN N . -1.14 -2.20 -10.80
MN MN O . -3.74 -1.96 -2.31
MN MN O . -5.18 -1.08 -3.97
MN MN P . 7.52 2.18 8.22
#